data_7C0N
# 
_entry.id   7C0N 
# 
_audit_conform.dict_name       mmcif_pdbx.dic 
_audit_conform.dict_version    5.397 
_audit_conform.dict_location   http://mmcif.pdb.org/dictionaries/ascii/mmcif_pdbx.dic 
# 
loop_
_database_2.database_id 
_database_2.database_code 
_database_2.pdbx_database_accession 
_database_2.pdbx_DOI 
PDB   7C0N         pdb_00007c0n 10.2210/pdb7c0n/pdb 
WWPDB D_1300013077 ?            ?                   
# 
loop_
_pdbx_audit_revision_history.ordinal 
_pdbx_audit_revision_history.data_content_type 
_pdbx_audit_revision_history.major_revision 
_pdbx_audit_revision_history.minor_revision 
_pdbx_audit_revision_history.revision_date 
1 'Structure model' 1 0 2020-10-07 
2 'Structure model' 1 1 2020-10-21 
3 'Structure model' 1 2 2024-10-23 
# 
_pdbx_audit_revision_details.ordinal             1 
_pdbx_audit_revision_details.revision_ordinal    1 
_pdbx_audit_revision_details.data_content_type   'Structure model' 
_pdbx_audit_revision_details.provider            repository 
_pdbx_audit_revision_details.type                'Initial release' 
_pdbx_audit_revision_details.description         ? 
_pdbx_audit_revision_details.details             ? 
# 
loop_
_pdbx_audit_revision_group.ordinal 
_pdbx_audit_revision_group.revision_ordinal 
_pdbx_audit_revision_group.data_content_type 
_pdbx_audit_revision_group.group 
1 2 'Structure model' 'Database references' 
2 3 'Structure model' 'Data collection'     
3 3 'Structure model' 'Database references' 
4 3 'Structure model' 'Structure summary'   
# 
loop_
_pdbx_audit_revision_category.ordinal 
_pdbx_audit_revision_category.revision_ordinal 
_pdbx_audit_revision_category.data_content_type 
_pdbx_audit_revision_category.category 
1 2 'Structure model' citation                  
2 2 'Structure model' citation_author           
3 3 'Structure model' chem_comp_atom            
4 3 'Structure model' chem_comp_bond            
5 3 'Structure model' database_2                
6 3 'Structure model' pdbx_entry_details        
7 3 'Structure model' pdbx_modification_feature 
# 
loop_
_pdbx_audit_revision_item.ordinal 
_pdbx_audit_revision_item.revision_ordinal 
_pdbx_audit_revision_item.data_content_type 
_pdbx_audit_revision_item.item 
1 2 'Structure model' '_citation.journal_volume'                     
2 2 'Structure model' '_citation.page_first'                         
3 2 'Structure model' '_citation.page_last'                          
4 2 'Structure model' '_citation_author.identifier_ORCID'            
5 3 'Structure model' '_database_2.pdbx_DOI'                         
6 3 'Structure model' '_database_2.pdbx_database_accession'          
7 3 'Structure model' '_pdbx_entry_details.has_protein_modification' 
# 
_pdbx_database_status.status_code                     REL 
_pdbx_database_status.status_code_sf                  REL 
_pdbx_database_status.status_code_mr                  ? 
_pdbx_database_status.entry_id                        7C0N 
_pdbx_database_status.recvd_initial_deposition_date   2020-05-01 
_pdbx_database_status.SG_entry                        N 
_pdbx_database_status.deposit_site                    PDBJ 
_pdbx_database_status.process_site                    PDBJ 
_pdbx_database_status.status_code_cs                  ? 
_pdbx_database_status.status_code_nmr_data            ? 
_pdbx_database_status.methods_development_category    ? 
_pdbx_database_status.pdb_format_compatible           Y 
# 
loop_
_audit_author.name 
_audit_author.pdbx_ordinal 
_audit_author.identifier_ORCID 
'He, C.'    1 ? 
'Wu, S.'    2 ? 
'Chi, C.'   3 ? 
'Zhang, W.' 4 ? 
'Ma, M.'    5 ? 
'Lai, L.'   6 ? 
'Dong, S.'  7 ? 
# 
_citation.abstract                  ? 
_citation.abstract_id_CAS           ? 
_citation.book_id_ISBN              ? 
_citation.book_publisher            ? 
_citation.book_publisher_city       ? 
_citation.book_title                ? 
_citation.coordinate_linkage        ? 
_citation.country                   US 
_citation.database_id_Medline       ? 
_citation.details                   ? 
_citation.id                        primary 
_citation.journal_abbrev            J.Am.Chem.Soc. 
_citation.journal_id_ASTM           JACSAT 
_citation.journal_id_CSD            ? 
_citation.journal_id_ISSN           1520-5126 
_citation.journal_full              ? 
_citation.journal_issue             ? 
_citation.journal_volume            142 
_citation.language                  ? 
_citation.page_first                17015 
_citation.page_last                 17023 
_citation.title                     
'Glycopeptide Self-Assembly Modulated by Glycan Stereochemistry through Glycan-Aromatic Interactions.' 
_citation.year                      2020 
_citation.database_id_CSD           ? 
_citation.pdbx_database_id_DOI      10.1021/jacs.0c06360 
_citation.pdbx_database_id_PubMed   32946227 
_citation.unpublished_flag          ? 
# 
loop_
_citation_author.citation_id 
_citation_author.name 
_citation_author.ordinal 
_citation_author.identifier_ORCID 
primary 'He, C.'    1 ? 
primary 'Wu, S.'    2 ? 
primary 'Liu, D.'   3 ? 
primary 'Chi, C.'   4 ? 
primary 'Zhang, W.' 5 ? 
primary 'Ma, M.'    6 ? 
primary 'Lai, L.'   7 ? 
primary 'Dong, S.'  8 ? 
# 
loop_
_entity.id 
_entity.type 
_entity.src_method 
_entity.pdbx_description 
_entity.formula_weight 
_entity.pdbx_number_of_molecules 
_entity.pdbx_ec 
_entity.pdbx_mutation 
_entity.pdbx_fragment 
_entity.details 
1 polymer     syn 'Self-assembling galactosylated tyrosine-rich peptide' 773.853 2 ? ? ? ? 
2 non-polymer nat beta-D-galactopyranose                                 180.156 2 ? ? ? ? 
3 non-polymer syn 'SULFATE ION'                                          96.063  1 ? ? ? ? 
4 water       nat water                                                  18.015  3 ? ? ? ? 
# 
_entity_poly.entity_id                      1 
_entity_poly.type                           'polypeptide(L)' 
_entity_poly.nstd_linkage                   no 
_entity_poly.nstd_monomer                   no 
_entity_poly.pdbx_seq_one_letter_code       YYCYY 
_entity_poly.pdbx_seq_one_letter_code_can   YYCYY 
_entity_poly.pdbx_strand_id                 A,B 
_entity_poly.pdbx_target_identifier         ? 
# 
loop_
_pdbx_entity_nonpoly.entity_id 
_pdbx_entity_nonpoly.name 
_pdbx_entity_nonpoly.comp_id 
2 beta-D-galactopyranose GAL 
3 'SULFATE ION'          SO4 
4 water                  HOH 
# 
loop_
_entity_poly_seq.entity_id 
_entity_poly_seq.num 
_entity_poly_seq.mon_id 
_entity_poly_seq.hetero 
1 1 TYR n 
1 2 TYR n 
1 3 CYS n 
1 4 TYR n 
1 5 TYR n 
# 
_pdbx_entity_src_syn.entity_id              1 
_pdbx_entity_src_syn.pdbx_src_id            1 
_pdbx_entity_src_syn.pdbx_alt_source_flag   sample 
_pdbx_entity_src_syn.pdbx_beg_seq_num       1 
_pdbx_entity_src_syn.pdbx_end_seq_num       5 
_pdbx_entity_src_syn.organism_scientific    'synthetic construct' 
_pdbx_entity_src_syn.organism_common_name   ? 
_pdbx_entity_src_syn.ncbi_taxonomy_id       32630 
_pdbx_entity_src_syn.details                ? 
# 
loop_
_chem_comp.id 
_chem_comp.type 
_chem_comp.mon_nstd_flag 
_chem_comp.name 
_chem_comp.pdbx_synonyms 
_chem_comp.formula 
_chem_comp.formula_weight 
CYS 'L-peptide linking'          y CYSTEINE               ?                                          'C3 H7 N O2 S' 121.158 
GAL 'D-saccharide, beta linking' . beta-D-galactopyranose 'beta-D-galactose; D-galactose; galactose' 'C6 H12 O6'    180.156 
HOH non-polymer                  . WATER                  ?                                          'H2 O'         18.015  
SO4 non-polymer                  . 'SULFATE ION'          ?                                          'O4 S -2'      96.063  
TYR 'L-peptide linking'          y TYROSINE               ?                                          'C9 H11 N O3'  181.189 
# 
loop_
_pdbx_chem_comp_identifier.comp_id 
_pdbx_chem_comp_identifier.type 
_pdbx_chem_comp_identifier.program 
_pdbx_chem_comp_identifier.program_version 
_pdbx_chem_comp_identifier.identifier 
GAL 'CONDENSED IUPAC CARBOHYDRATE SYMBOL' GMML     1.0 DGalpb              
GAL 'COMMON NAME'                         GMML     1.0 b-D-galactopyranose 
GAL 'IUPAC CARBOHYDRATE SYMBOL'           PDB-CARE 1.0 b-D-Galp            
GAL 'SNFG CARBOHYDRATE SYMBOL'            GMML     1.0 Gal                 
# 
loop_
_pdbx_poly_seq_scheme.asym_id 
_pdbx_poly_seq_scheme.entity_id 
_pdbx_poly_seq_scheme.seq_id 
_pdbx_poly_seq_scheme.mon_id 
_pdbx_poly_seq_scheme.ndb_seq_num 
_pdbx_poly_seq_scheme.pdb_seq_num 
_pdbx_poly_seq_scheme.auth_seq_num 
_pdbx_poly_seq_scheme.pdb_mon_id 
_pdbx_poly_seq_scheme.auth_mon_id 
_pdbx_poly_seq_scheme.pdb_strand_id 
_pdbx_poly_seq_scheme.pdb_ins_code 
_pdbx_poly_seq_scheme.hetero 
A 1 1 TYR 1 1 1 TYR TYR A . n 
A 1 2 TYR 2 2 2 TYR TYR A . n 
A 1 3 CYS 3 3 3 CYS CYS A . n 
A 1 4 TYR 4 4 4 TYR TYR A . n 
A 1 5 TYR 5 5 5 TYR TYR A . n 
B 1 1 TYR 1 1 1 TYR TYR B . n 
B 1 2 TYR 2 2 2 TYR TYR B . n 
B 1 3 CYS 3 3 3 CYS CYS B . n 
B 1 4 TYR 4 4 4 TYR TYR B . n 
B 1 5 TYR 5 5 5 TYR TYR B . n 
# 
_pdbx_entity_instance_feature.ordinal        1 
_pdbx_entity_instance_feature.comp_id        GAL 
_pdbx_entity_instance_feature.asym_id        ? 
_pdbx_entity_instance_feature.seq_num        ? 
_pdbx_entity_instance_feature.auth_comp_id   GAL 
_pdbx_entity_instance_feature.auth_asym_id   ? 
_pdbx_entity_instance_feature.auth_seq_num   ? 
_pdbx_entity_instance_feature.feature_type   'SUBJECT OF INVESTIGATION' 
_pdbx_entity_instance_feature.details        ? 
# 
loop_
_pdbx_nonpoly_scheme.asym_id 
_pdbx_nonpoly_scheme.entity_id 
_pdbx_nonpoly_scheme.mon_id 
_pdbx_nonpoly_scheme.ndb_seq_num 
_pdbx_nonpoly_scheme.pdb_seq_num 
_pdbx_nonpoly_scheme.auth_seq_num 
_pdbx_nonpoly_scheme.pdb_mon_id 
_pdbx_nonpoly_scheme.auth_mon_id 
_pdbx_nonpoly_scheme.pdb_strand_id 
_pdbx_nonpoly_scheme.pdb_ins_code 
C 2 GAL 1 101 3  GAL GAL A . 
D 3 SO4 1 102 1  SO4 SO4 A . 
E 2 GAL 1 101 2  GAL GAL B . 
F 4 HOH 1 201 1  HOH HOH A . 
F 4 HOH 2 202 11 HOH HOH A . 
G 4 HOH 1 201 12 HOH HOH B . 
# 
loop_
_software.citation_id 
_software.classification 
_software.compiler_name 
_software.compiler_version 
_software.contact_author 
_software.contact_author_email 
_software.date 
_software.description 
_software.dependencies 
_software.hardware 
_software.language 
_software.location 
_software.mods 
_software.name 
_software.os 
_software.os_version 
_software.type 
_software.version 
_software.pdbx_ordinal 
? refinement       ? ? ? ? ? ? ? ? ? ? ? PHENIX   ? ? ? 1.13_2998 1 
? 'data reduction' ? ? ? ? ? ? ? ? ? ? ? HKL-2000 ? ? ? .         2 
? 'data scaling'   ? ? ? ? ? ? ? ? ? ? ? HKL-2000 ? ? ? .         3 
? phasing          ? ? ? ? ? ? ? ? ? ? ? PHENIX   ? ? ? .         4 
# 
_cell.angle_alpha                  90.000 
_cell.angle_alpha_esd              ? 
_cell.angle_beta                   90.000 
_cell.angle_beta_esd               ? 
_cell.angle_gamma                  90.000 
_cell.angle_gamma_esd              ? 
_cell.entry_id                     7C0N 
_cell.details                      ? 
_cell.formula_units_Z              ? 
_cell.length_a                     72.837 
_cell.length_a_esd                 ? 
_cell.length_b                     72.837 
_cell.length_b_esd                 ? 
_cell.length_c                     72.837 
_cell.length_c_esd                 ? 
_cell.volume                       ? 
_cell.volume_esd                   ? 
_cell.Z_PDB                        192 
_cell.reciprocal_angle_alpha       ? 
_cell.reciprocal_angle_beta        ? 
_cell.reciprocal_angle_gamma       ? 
_cell.reciprocal_angle_alpha_esd   ? 
_cell.reciprocal_angle_beta_esd    ? 
_cell.reciprocal_angle_gamma_esd   ? 
_cell.reciprocal_length_a          ? 
_cell.reciprocal_length_b          ? 
_cell.reciprocal_length_c          ? 
_cell.reciprocal_length_a_esd      ? 
_cell.reciprocal_length_b_esd      ? 
_cell.reciprocal_length_c_esd      ? 
_cell.pdbx_unique_axis             ? 
# 
_symmetry.entry_id                         7C0N 
_symmetry.cell_setting                     ? 
_symmetry.Int_Tables_number                210 
_symmetry.space_group_name_Hall            ? 
_symmetry.space_group_name_H-M             'F 41 3 2' 
_symmetry.pdbx_full_space_group_name_H-M   ? 
# 
_exptl.absorpt_coefficient_mu     ? 
_exptl.absorpt_correction_T_max   ? 
_exptl.absorpt_correction_T_min   ? 
_exptl.absorpt_correction_type    ? 
_exptl.absorpt_process_details    ? 
_exptl.entry_id                   7C0N 
_exptl.crystals_number            1 
_exptl.details                    ? 
_exptl.method                     'X-RAY DIFFRACTION' 
_exptl.method_details             ? 
# 
_exptl_crystal.colour                      ? 
_exptl_crystal.density_diffrn              ? 
_exptl_crystal.density_Matthews            2.60 
_exptl_crystal.density_method              ? 
_exptl_crystal.density_percent_sol         52.71 
_exptl_crystal.description                 ? 
_exptl_crystal.F_000                       ? 
_exptl_crystal.id                          1 
_exptl_crystal.preparation                 ? 
_exptl_crystal.size_max                    ? 
_exptl_crystal.size_mid                    ? 
_exptl_crystal.size_min                    ? 
_exptl_crystal.size_rad                    ? 
_exptl_crystal.colour_lustre               ? 
_exptl_crystal.colour_modifier             ? 
_exptl_crystal.colour_primary              ? 
_exptl_crystal.density_meas                ? 
_exptl_crystal.density_meas_esd            ? 
_exptl_crystal.density_meas_gt             ? 
_exptl_crystal.density_meas_lt             ? 
_exptl_crystal.density_meas_temp           ? 
_exptl_crystal.density_meas_temp_esd       ? 
_exptl_crystal.density_meas_temp_gt        ? 
_exptl_crystal.density_meas_temp_lt        ? 
_exptl_crystal.pdbx_crystal_image_url      ? 
_exptl_crystal.pdbx_crystal_image_format   ? 
_exptl_crystal.pdbx_mosaicity              ? 
_exptl_crystal.pdbx_mosaicity_esd          ? 
# 
_exptl_crystal_grow.apparatus       ? 
_exptl_crystal_grow.atmosphere      ? 
_exptl_crystal_grow.crystal_id      1 
_exptl_crystal_grow.details         ? 
_exptl_crystal_grow.method          'VAPOR DIFFUSION, SITTING DROP' 
_exptl_crystal_grow.method_ref      ? 
_exptl_crystal_grow.pH              4.2 
_exptl_crystal_grow.pressure        ? 
_exptl_crystal_grow.pressure_esd    ? 
_exptl_crystal_grow.seeding         ? 
_exptl_crystal_grow.seeding_ref     ? 
_exptl_crystal_grow.temp            293 
_exptl_crystal_grow.temp_details    ? 
_exptl_crystal_grow.temp_esd        ? 
_exptl_crystal_grow.time            ? 
_exptl_crystal_grow.pdbx_details    '40%(w/v) PEG 1000, 0.1 M Sodium phosphate dibasic/Citric acid(pH 4.2), 0.2 M Lithium sulfate' 
_exptl_crystal_grow.pdbx_pH_range   ? 
# 
_diffrn.ambient_environment              ? 
_diffrn.ambient_temp                     293 
_diffrn.ambient_temp_details             ? 
_diffrn.ambient_temp_esd                 ? 
_diffrn.crystal_id                       1 
_diffrn.crystal_support                  ? 
_diffrn.crystal_treatment                ? 
_diffrn.details                          ? 
_diffrn.id                               1 
_diffrn.ambient_pressure                 ? 
_diffrn.ambient_pressure_esd             ? 
_diffrn.ambient_pressure_gt              ? 
_diffrn.ambient_pressure_lt              ? 
_diffrn.ambient_temp_gt                  ? 
_diffrn.ambient_temp_lt                  ? 
_diffrn.pdbx_serial_crystal_experiment   N 
# 
_diffrn_detector.details                      ? 
_diffrn_detector.detector                     CCD 
_diffrn_detector.diffrn_id                    1 
_diffrn_detector.type                         'RAYONIX MX-300' 
_diffrn_detector.area_resol_mean              ? 
_diffrn_detector.dtime                        ? 
_diffrn_detector.pdbx_frames_total            ? 
_diffrn_detector.pdbx_collection_time_total   ? 
_diffrn_detector.pdbx_collection_date         2019-06-08 
_diffrn_detector.pdbx_frequency               ? 
# 
_diffrn_radiation.collimation                      ? 
_diffrn_radiation.diffrn_id                        1 
_diffrn_radiation.filter_edge                      ? 
_diffrn_radiation.inhomogeneity                    ? 
_diffrn_radiation.monochromator                    ? 
_diffrn_radiation.polarisn_norm                    ? 
_diffrn_radiation.polarisn_ratio                   ? 
_diffrn_radiation.probe                            ? 
_diffrn_radiation.type                             ? 
_diffrn_radiation.xray_symbol                      ? 
_diffrn_radiation.wavelength_id                    1 
_diffrn_radiation.pdbx_monochromatic_or_laue_m_l   M 
_diffrn_radiation.pdbx_wavelength_list             ? 
_diffrn_radiation.pdbx_wavelength                  ? 
_diffrn_radiation.pdbx_diffrn_protocol             'SINGLE WAVELENGTH' 
_diffrn_radiation.pdbx_analyzer                    ? 
_diffrn_radiation.pdbx_scattering_type             x-ray 
# 
_diffrn_radiation_wavelength.id           1 
_diffrn_radiation_wavelength.wavelength   1.54191 
_diffrn_radiation_wavelength.wt           1.0 
# 
_diffrn_source.current                     ? 
_diffrn_source.details                     ? 
_diffrn_source.diffrn_id                   1 
_diffrn_source.power                       ? 
_diffrn_source.size                        ? 
_diffrn_source.source                      SYNCHROTRON 
_diffrn_source.target                      ? 
_diffrn_source.type                        'SSRF BEAMLINE BL17B1' 
_diffrn_source.voltage                     ? 
_diffrn_source.take-off_angle              ? 
_diffrn_source.pdbx_wavelength_list        1.54191 
_diffrn_source.pdbx_wavelength             ? 
_diffrn_source.pdbx_synchrotron_beamline   BL17B1 
_diffrn_source.pdbx_synchrotron_site       SSRF 
# 
_reflns.B_iso_Wilson_estimate            ? 
_reflns.entry_id                         7C0N 
_reflns.data_reduction_details           ? 
_reflns.data_reduction_method            ? 
_reflns.d_resolution_high                1.55 
_reflns.d_resolution_low                 50 
_reflns.details                          ? 
_reflns.limit_h_max                      ? 
_reflns.limit_h_min                      ? 
_reflns.limit_k_max                      ? 
_reflns.limit_k_min                      ? 
_reflns.limit_l_max                      ? 
_reflns.limit_l_min                      ? 
_reflns.number_all                       ? 
_reflns.number_obs                       2694 
_reflns.observed_criterion               ? 
_reflns.observed_criterion_F_max         ? 
_reflns.observed_criterion_F_min         ? 
_reflns.observed_criterion_I_max         ? 
_reflns.observed_criterion_I_min         ? 
_reflns.observed_criterion_sigma_F       ? 
_reflns.observed_criterion_sigma_I       ? 
_reflns.percent_possible_obs             100 
_reflns.R_free_details                   ? 
_reflns.Rmerge_F_all                     ? 
_reflns.Rmerge_F_obs                     ? 
_reflns.Friedel_coverage                 ? 
_reflns.number_gt                        ? 
_reflns.threshold_expression             ? 
_reflns.pdbx_redundancy                  72.6 
_reflns.pdbx_Rmerge_I_obs                0.078 
_reflns.pdbx_Rmerge_I_all                ? 
_reflns.pdbx_Rsym_value                  0.078 
_reflns.pdbx_netI_over_av_sigmaI         ? 
_reflns.pdbx_netI_over_sigmaI            54.2 
_reflns.pdbx_res_netI_over_av_sigmaI_2   ? 
_reflns.pdbx_res_netI_over_sigmaI_2      ? 
_reflns.pdbx_chi_squared                 ? 
_reflns.pdbx_scaling_rejects             ? 
_reflns.pdbx_d_res_high_opt              ? 
_reflns.pdbx_d_res_low_opt               ? 
_reflns.pdbx_d_res_opt_method            ? 
_reflns.phase_calculation_details        ? 
_reflns.pdbx_Rrim_I_all                  ? 
_reflns.pdbx_Rpim_I_all                  ? 
_reflns.pdbx_d_opt                       ? 
_reflns.pdbx_number_measured_all         ? 
_reflns.pdbx_diffrn_id                   1 
_reflns.pdbx_ordinal                     1 
_reflns.pdbx_CC_half                     ? 
_reflns.pdbx_CC_star                     ? 
_reflns.pdbx_R_split                     ? 
# 
_reflns_shell.d_res_high                  1.55 
_reflns_shell.d_res_low                   1.61 
_reflns_shell.meanI_over_sigI_all         ? 
_reflns_shell.meanI_over_sigI_obs         17 
_reflns_shell.number_measured_all         ? 
_reflns_shell.number_measured_obs         ? 
_reflns_shell.number_possible             ? 
_reflns_shell.number_unique_all           ? 
_reflns_shell.number_unique_obs           256 
_reflns_shell.percent_possible_all        ? 
_reflns_shell.percent_possible_obs        ? 
_reflns_shell.Rmerge_F_all                ? 
_reflns_shell.Rmerge_F_obs                ? 
_reflns_shell.Rmerge_I_all                ? 
_reflns_shell.Rmerge_I_obs                0.369 
_reflns_shell.meanI_over_sigI_gt          ? 
_reflns_shell.meanI_over_uI_all           ? 
_reflns_shell.meanI_over_uI_gt            ? 
_reflns_shell.number_measured_gt          ? 
_reflns_shell.number_unique_gt            ? 
_reflns_shell.percent_possible_gt         ? 
_reflns_shell.Rmerge_F_gt                 ? 
_reflns_shell.Rmerge_I_gt                 ? 
_reflns_shell.pdbx_redundancy             63.0 
_reflns_shell.pdbx_Rsym_value             0.369 
_reflns_shell.pdbx_chi_squared            ? 
_reflns_shell.pdbx_netI_over_sigmaI_all   ? 
_reflns_shell.pdbx_netI_over_sigmaI_obs   ? 
_reflns_shell.pdbx_Rrim_I_all             ? 
_reflns_shell.pdbx_Rpim_I_all             ? 
_reflns_shell.pdbx_rejects                ? 
_reflns_shell.pdbx_ordinal                1 
_reflns_shell.pdbx_diffrn_id              1 
_reflns_shell.pdbx_CC_half                ? 
_reflns_shell.pdbx_CC_star                ? 
_reflns_shell.pdbx_R_split                ? 
# 
_refine.aniso_B[1][1]                            ? 
_refine.aniso_B[1][2]                            ? 
_refine.aniso_B[1][3]                            ? 
_refine.aniso_B[2][2]                            ? 
_refine.aniso_B[2][3]                            ? 
_refine.aniso_B[3][3]                            ? 
_refine.B_iso_max                                52.980 
_refine.B_iso_mean                               ? 
_refine.B_iso_min                                10.840 
_refine.correlation_coeff_Fo_to_Fc               ? 
_refine.correlation_coeff_Fo_to_Fc_free          ? 
_refine.details                                  ? 
_refine.diff_density_max                         ? 
_refine.diff_density_max_esd                     ? 
_refine.diff_density_min                         ? 
_refine.diff_density_min_esd                     ? 
_refine.diff_density_rms                         ? 
_refine.diff_density_rms_esd                     ? 
_refine.entry_id                                 7C0N 
_refine.pdbx_refine_id                           'X-RAY DIFFRACTION' 
_refine.ls_abs_structure_details                 ? 
_refine.ls_abs_structure_Flack                   ? 
_refine.ls_abs_structure_Flack_esd               ? 
_refine.ls_abs_structure_Rogers                  ? 
_refine.ls_abs_structure_Rogers_esd              ? 
_refine.ls_d_res_high                            1.552 
_refine.ls_d_res_low                             25.752 
_refine.ls_extinction_coef                       ? 
_refine.ls_extinction_coef_esd                   ? 
_refine.ls_extinction_expression                 ? 
_refine.ls_extinction_method                     ? 
_refine.ls_goodness_of_fit_all                   ? 
_refine.ls_goodness_of_fit_all_esd               ? 
_refine.ls_goodness_of_fit_obs                   ? 
_refine.ls_goodness_of_fit_obs_esd               ? 
_refine.ls_hydrogen_treatment                    ? 
_refine.ls_matrix_type                           ? 
_refine.ls_number_constraints                    ? 
_refine.ls_number_parameters                     ? 
_refine.ls_number_reflns_all                     ? 
_refine.ls_number_reflns_obs                     2682 
_refine.ls_number_reflns_R_free                  118 
_refine.ls_number_reflns_R_work                  ? 
_refine.ls_number_restraints                     ? 
_refine.ls_percent_reflns_obs                    100.0000 
_refine.ls_percent_reflns_R_free                 4.4000 
_refine.ls_R_factor_all                          ? 
_refine.ls_R_factor_obs                          ? 
_refine.ls_R_factor_R_free                       0.2495 
_refine.ls_R_factor_R_free_error                 ? 
_refine.ls_R_factor_R_free_error_details         ? 
_refine.ls_R_factor_R_work                       0.2344 
_refine.ls_R_Fsqd_factor_obs                     ? 
_refine.ls_R_I_factor_obs                        ? 
_refine.ls_redundancy_reflns_all                 ? 
_refine.ls_redundancy_reflns_obs                 ? 
_refine.ls_restrained_S_all                      ? 
_refine.ls_restrained_S_obs                      ? 
_refine.ls_shift_over_esd_max                    ? 
_refine.ls_shift_over_esd_mean                   ? 
_refine.ls_structure_factor_coef                 ? 
_refine.ls_weighting_details                     ? 
_refine.ls_weighting_scheme                      ? 
_refine.ls_wR_factor_all                         ? 
_refine.ls_wR_factor_obs                         ? 
_refine.ls_wR_factor_R_free                      ? 
_refine.ls_wR_factor_R_work                      ? 
_refine.occupancy_max                            ? 
_refine.occupancy_min                            ? 
_refine.solvent_model_details                    ? 
_refine.solvent_model_param_bsol                 ? 
_refine.solvent_model_param_ksol                 ? 
_refine.pdbx_R_complete                          ? 
_refine.ls_R_factor_gt                           ? 
_refine.ls_goodness_of_fit_gt                    ? 
_refine.ls_goodness_of_fit_ref                   ? 
_refine.ls_shift_over_su_max                     ? 
_refine.ls_shift_over_su_max_lt                  ? 
_refine.ls_shift_over_su_mean                    ? 
_refine.ls_shift_over_su_mean_lt                 ? 
_refine.pdbx_ls_sigma_I                          ? 
_refine.pdbx_ls_sigma_F                          ? 
_refine.pdbx_ls_sigma_Fsqd                       ? 
_refine.pdbx_data_cutoff_high_absF               ? 
_refine.pdbx_data_cutoff_high_rms_absF           ? 
_refine.pdbx_data_cutoff_low_absF                ? 
_refine.pdbx_isotropic_thermal_model             ? 
_refine.pdbx_ls_cross_valid_method               THROUGHOUT 
_refine.pdbx_method_to_determine_struct          SAD 
_refine.pdbx_starting_model                      ? 
_refine.pdbx_stereochemistry_target_values       ? 
_refine.pdbx_R_Free_selection_details            ? 
_refine.pdbx_stereochem_target_val_spec_case     ? 
_refine.pdbx_overall_ESU_R                       ? 
_refine.pdbx_overall_ESU_R_Free                  ? 
_refine.pdbx_solvent_vdw_probe_radii             ? 
_refine.pdbx_solvent_ion_probe_radii             ? 
_refine.pdbx_solvent_shrinkage_radii             ? 
_refine.pdbx_real_space_R                        ? 
_refine.pdbx_density_correlation                 ? 
_refine.pdbx_pd_number_of_powder_patterns        ? 
_refine.pdbx_pd_number_of_points                 ? 
_refine.pdbx_pd_meas_number_of_points            ? 
_refine.pdbx_pd_proc_ls_prof_R_factor            ? 
_refine.pdbx_pd_proc_ls_prof_wR_factor           ? 
_refine.pdbx_pd_Marquardt_correlation_coeff      ? 
_refine.pdbx_pd_Fsqrd_R_factor                   ? 
_refine.pdbx_pd_ls_matrix_band_width             ? 
_refine.pdbx_overall_phase_error                 ? 
_refine.pdbx_overall_SU_R_free_Cruickshank_DPI   ? 
_refine.pdbx_overall_SU_R_free_Blow_DPI          ? 
_refine.pdbx_overall_SU_R_Blow_DPI               ? 
_refine.pdbx_TLS_residual_ADP_flag               ? 
_refine.pdbx_diffrn_id                           1 
_refine.overall_SU_B                             ? 
_refine.overall_SU_ML                            ? 
_refine.overall_SU_R_Cruickshank_DPI             ? 
_refine.overall_SU_R_free                        ? 
_refine.overall_FOM_free_R_set                   ? 
_refine.overall_FOM_work_R_set                   ? 
_refine.pdbx_average_fsc_overall                 ? 
_refine.pdbx_average_fsc_work                    ? 
_refine.pdbx_average_fsc_free                    ? 
# 
_refine_hist.pdbx_refine_id                   'X-RAY DIFFRACTION' 
_refine_hist.cycle_id                         final 
_refine_hist.details                          ? 
_refine_hist.d_res_high                       1.552 
_refine_hist.d_res_low                        25.752 
_refine_hist.number_atoms_solvent             3 
_refine_hist.number_atoms_total               160 
_refine_hist.number_reflns_all                ? 
_refine_hist.number_reflns_obs                ? 
_refine_hist.number_reflns_R_free             ? 
_refine_hist.number_reflns_R_work             ? 
_refine_hist.R_factor_all                     ? 
_refine_hist.R_factor_obs                     ? 
_refine_hist.R_factor_R_free                  ? 
_refine_hist.R_factor_R_work                  ? 
_refine_hist.pdbx_number_residues_total       10 
_refine_hist.pdbx_B_iso_mean_ligand           26.31 
_refine_hist.pdbx_B_iso_mean_solvent          24.37 
_refine_hist.pdbx_number_atoms_protein        107 
_refine_hist.pdbx_number_atoms_nucleic_acid   0 
_refine_hist.pdbx_number_atoms_ligand         50 
_refine_hist.pdbx_number_atoms_lipid          ? 
_refine_hist.pdbx_number_atoms_carb           ? 
_refine_hist.pdbx_pseudo_atom_details         ? 
# 
_refine_ls_shell.pdbx_refine_id                   'X-RAY DIFFRACTION' 
_refine_ls_shell.d_res_high                       1.552 
_refine_ls_shell.d_res_low                        1.607 
_refine_ls_shell.number_reflns_all                ? 
_refine_ls_shell.number_reflns_obs                ? 
_refine_ls_shell.number_reflns_R_free             ? 
_refine_ls_shell.number_reflns_R_work             255 
_refine_ls_shell.percent_reflns_obs               100.0000 
_refine_ls_shell.percent_reflns_R_free            ? 
_refine_ls_shell.R_factor_all                     ? 
_refine_ls_shell.R_factor_obs                     ? 
_refine_ls_shell.R_factor_R_free                  0.2328 
_refine_ls_shell.R_factor_R_free_error            ? 
_refine_ls_shell.R_factor_R_work                  0.2326 
_refine_ls_shell.redundancy_reflns_all            ? 
_refine_ls_shell.redundancy_reflns_obs            ? 
_refine_ls_shell.wR_factor_all                    ? 
_refine_ls_shell.wR_factor_obs                    ? 
_refine_ls_shell.wR_factor_R_free                 ? 
_refine_ls_shell.wR_factor_R_work                 ? 
_refine_ls_shell.pdbx_R_complete                  ? 
_refine_ls_shell.pdbx_total_number_of_bins_used   ? 
_refine_ls_shell.pdbx_phase_error                 ? 
_refine_ls_shell.pdbx_fsc_work                    ? 
_refine_ls_shell.pdbx_fsc_free                    ? 
# 
_struct.entry_id                     7C0N 
_struct.title                        'Crystal structure of a self-assembling galactosylated peptide homodimer' 
_struct.pdbx_model_details           ? 
_struct.pdbx_formula_weight          ? 
_struct.pdbx_formula_weight_method   ? 
_struct.pdbx_model_type_details      ? 
_struct.pdbx_CASP_flag               N 
# 
_struct_keywords.entry_id        7C0N 
_struct_keywords.text            'Self-assembling glycopeptide, tyrosine-rich peptide, O-glycan modification., DE NOVO PROTEIN' 
_struct_keywords.pdbx_keywords   'DE NOVO PROTEIN' 
# 
loop_
_struct_asym.id 
_struct_asym.pdbx_blank_PDB_chainid_flag 
_struct_asym.pdbx_modified 
_struct_asym.entity_id 
_struct_asym.details 
A N N 1 ? 
B N N 1 ? 
C N N 2 ? 
D N N 3 ? 
E N N 2 ? 
F N N 4 ? 
G N N 4 ? 
# 
_struct_ref.id                         1 
_struct_ref.db_name                    PDB 
_struct_ref.db_code                    7C0N 
_struct_ref.pdbx_db_accession          7C0N 
_struct_ref.pdbx_db_isoform            ? 
_struct_ref.entity_id                  1 
_struct_ref.pdbx_seq_one_letter_code   ? 
_struct_ref.pdbx_align_begin           1 
# 
loop_
_struct_ref_seq.align_id 
_struct_ref_seq.ref_id 
_struct_ref_seq.pdbx_PDB_id_code 
_struct_ref_seq.pdbx_strand_id 
_struct_ref_seq.seq_align_beg 
_struct_ref_seq.pdbx_seq_align_beg_ins_code 
_struct_ref_seq.seq_align_end 
_struct_ref_seq.pdbx_seq_align_end_ins_code 
_struct_ref_seq.pdbx_db_accession 
_struct_ref_seq.db_align_beg 
_struct_ref_seq.pdbx_db_align_beg_ins_code 
_struct_ref_seq.db_align_end 
_struct_ref_seq.pdbx_db_align_end_ins_code 
_struct_ref_seq.pdbx_auth_seq_align_beg 
_struct_ref_seq.pdbx_auth_seq_align_end 
1 1 7C0N A 1 ? 5 ? 7C0N 1 ? 5 ? 1 5 
2 1 7C0N B 1 ? 5 ? 7C0N 1 ? 5 ? 1 5 
# 
_pdbx_struct_assembly.id                   1 
_pdbx_struct_assembly.details              author_and_software_defined_assembly 
_pdbx_struct_assembly.method_details       PISA 
_pdbx_struct_assembly.oligomeric_details   dimeric 
_pdbx_struct_assembly.oligomeric_count     2 
# 
loop_
_pdbx_struct_assembly_prop.biol_id 
_pdbx_struct_assembly_prop.type 
_pdbx_struct_assembly_prop.value 
_pdbx_struct_assembly_prop.details 
1 'ABSA (A^2)' 960  ? 
1 MORE         -16  ? 
1 'SSA (A^2)'  1690 ? 
# 
_pdbx_struct_assembly_gen.assembly_id       1 
_pdbx_struct_assembly_gen.oper_expression   1 
_pdbx_struct_assembly_gen.asym_id_list      A,B,C,D,E,F,G 
# 
_pdbx_struct_assembly_auth_evidence.id                     1 
_pdbx_struct_assembly_auth_evidence.assembly_id            1 
_pdbx_struct_assembly_auth_evidence.experimental_support   'mass spectrometry' 
_pdbx_struct_assembly_auth_evidence.details                
'The assembly provided by liquid chromatography-mass spectrometry (LC-MS) is monomer.' 
# 
_pdbx_struct_oper_list.id                   1 
_pdbx_struct_oper_list.type                 'identity operation' 
_pdbx_struct_oper_list.name                 1_555 
_pdbx_struct_oper_list.symmetry_operation   x,y,z 
_pdbx_struct_oper_list.matrix[1][1]         1.0000000000 
_pdbx_struct_oper_list.matrix[1][2]         0.0000000000 
_pdbx_struct_oper_list.matrix[1][3]         0.0000000000 
_pdbx_struct_oper_list.vector[1]            0.0000000000 
_pdbx_struct_oper_list.matrix[2][1]         0.0000000000 
_pdbx_struct_oper_list.matrix[2][2]         1.0000000000 
_pdbx_struct_oper_list.matrix[2][3]         0.0000000000 
_pdbx_struct_oper_list.vector[2]            0.0000000000 
_pdbx_struct_oper_list.matrix[3][1]         0.0000000000 
_pdbx_struct_oper_list.matrix[3][2]         0.0000000000 
_pdbx_struct_oper_list.matrix[3][3]         1.0000000000 
_pdbx_struct_oper_list.vector[3]            0.0000000000 
# 
loop_
_struct_conn.id 
_struct_conn.conn_type_id 
_struct_conn.pdbx_leaving_atom_flag 
_struct_conn.pdbx_PDB_id 
_struct_conn.ptnr1_label_asym_id 
_struct_conn.ptnr1_label_comp_id 
_struct_conn.ptnr1_label_seq_id 
_struct_conn.ptnr1_label_atom_id 
_struct_conn.pdbx_ptnr1_label_alt_id 
_struct_conn.pdbx_ptnr1_PDB_ins_code 
_struct_conn.pdbx_ptnr1_standard_comp_id 
_struct_conn.ptnr1_symmetry 
_struct_conn.ptnr2_label_asym_id 
_struct_conn.ptnr2_label_comp_id 
_struct_conn.ptnr2_label_seq_id 
_struct_conn.ptnr2_label_atom_id 
_struct_conn.pdbx_ptnr2_label_alt_id 
_struct_conn.pdbx_ptnr2_PDB_ins_code 
_struct_conn.ptnr1_auth_asym_id 
_struct_conn.ptnr1_auth_comp_id 
_struct_conn.ptnr1_auth_seq_id 
_struct_conn.ptnr2_auth_asym_id 
_struct_conn.ptnr2_auth_comp_id 
_struct_conn.ptnr2_auth_seq_id 
_struct_conn.ptnr2_symmetry 
_struct_conn.pdbx_ptnr3_label_atom_id 
_struct_conn.pdbx_ptnr3_label_seq_id 
_struct_conn.pdbx_ptnr3_label_comp_id 
_struct_conn.pdbx_ptnr3_label_asym_id 
_struct_conn.pdbx_ptnr3_label_alt_id 
_struct_conn.pdbx_ptnr3_PDB_ins_code 
_struct_conn.details 
_struct_conn.pdbx_dist_value 
_struct_conn.pdbx_value_order 
_struct_conn.pdbx_role 
disulf1 disulf ?   ? A CYS 3 SG ? ? ? 1_555 B CYS 3 SG ? ? A CYS 3 B CYS 3   1_555 ? ? ? ? ? ? ? 2.063 ? ? 
covale1 covale one ? A TYR 4 OH ? ? ? 1_555 C GAL . C1 ? ? A TYR 4 A GAL 101 1_555 ? ? ? ? ? ? ? 1.404 ? ? 
covale2 covale one ? B TYR 4 OH ? ? ? 1_555 E GAL . C1 ? ? B TYR 4 B GAL 101 1_555 ? ? ? ? ? ? ? 1.373 ? ? 
# 
loop_
_struct_conn_type.id 
_struct_conn_type.criteria 
_struct_conn_type.reference 
disulf ? ? 
covale ? ? 
# 
loop_
_pdbx_modification_feature.ordinal 
_pdbx_modification_feature.label_comp_id 
_pdbx_modification_feature.label_asym_id 
_pdbx_modification_feature.label_seq_id 
_pdbx_modification_feature.label_alt_id 
_pdbx_modification_feature.modified_residue_label_comp_id 
_pdbx_modification_feature.modified_residue_label_asym_id 
_pdbx_modification_feature.modified_residue_label_seq_id 
_pdbx_modification_feature.modified_residue_label_alt_id 
_pdbx_modification_feature.auth_comp_id 
_pdbx_modification_feature.auth_asym_id 
_pdbx_modification_feature.auth_seq_id 
_pdbx_modification_feature.PDB_ins_code 
_pdbx_modification_feature.symmetry 
_pdbx_modification_feature.modified_residue_auth_comp_id 
_pdbx_modification_feature.modified_residue_auth_asym_id 
_pdbx_modification_feature.modified_residue_auth_seq_id 
_pdbx_modification_feature.modified_residue_PDB_ins_code 
_pdbx_modification_feature.modified_residue_symmetry 
_pdbx_modification_feature.comp_id_linking_atom 
_pdbx_modification_feature.modified_residue_id_linking_atom 
_pdbx_modification_feature.modified_residue_id 
_pdbx_modification_feature.ref_pcm_id 
_pdbx_modification_feature.ref_comp_id 
_pdbx_modification_feature.type 
_pdbx_modification_feature.category 
1 GAL C . ? TYR A 4 ? GAL A 101 ? 1_555 TYR A 4 ? 1_555 C1 OH TYR 4 GAL None Carbohydrate       
2 GAL E . ? TYR B 4 ? GAL B 101 ? 1_555 TYR B 4 ? 1_555 C1 OH TYR 4 GAL None Carbohydrate       
3 CYS A 3 ? CYS B 3 ? CYS A 3   ? 1_555 CYS B 3 ? 1_555 SG SG .   . .   None 'Disulfide bridge' 
# 
_struct_sheet.id               AA1 
_struct_sheet.type             ? 
_struct_sheet.number_strands   2 
_struct_sheet.details          ? 
# 
_struct_sheet_order.sheet_id     AA1 
_struct_sheet_order.range_id_1   1 
_struct_sheet_order.range_id_2   2 
_struct_sheet_order.offset       ? 
_struct_sheet_order.sense        anti-parallel 
# 
loop_
_struct_sheet_range.sheet_id 
_struct_sheet_range.id 
_struct_sheet_range.beg_label_comp_id 
_struct_sheet_range.beg_label_asym_id 
_struct_sheet_range.beg_label_seq_id 
_struct_sheet_range.pdbx_beg_PDB_ins_code 
_struct_sheet_range.end_label_comp_id 
_struct_sheet_range.end_label_asym_id 
_struct_sheet_range.end_label_seq_id 
_struct_sheet_range.pdbx_end_PDB_ins_code 
_struct_sheet_range.beg_auth_comp_id 
_struct_sheet_range.beg_auth_asym_id 
_struct_sheet_range.beg_auth_seq_id 
_struct_sheet_range.end_auth_comp_id 
_struct_sheet_range.end_auth_asym_id 
_struct_sheet_range.end_auth_seq_id 
AA1 1 TYR A 2 ? TYR A 4 ? TYR A 2 TYR A 4 
AA1 2 TYR B 2 ? TYR B 4 ? TYR B 2 TYR B 4 
# 
_pdbx_struct_sheet_hbond.sheet_id                AA1 
_pdbx_struct_sheet_hbond.range_id_1              1 
_pdbx_struct_sheet_hbond.range_id_2              2 
_pdbx_struct_sheet_hbond.range_1_label_atom_id   N 
_pdbx_struct_sheet_hbond.range_1_label_comp_id   TYR 
_pdbx_struct_sheet_hbond.range_1_label_asym_id   A 
_pdbx_struct_sheet_hbond.range_1_label_seq_id    2 
_pdbx_struct_sheet_hbond.range_1_PDB_ins_code    ? 
_pdbx_struct_sheet_hbond.range_1_auth_atom_id    N 
_pdbx_struct_sheet_hbond.range_1_auth_comp_id    TYR 
_pdbx_struct_sheet_hbond.range_1_auth_asym_id    A 
_pdbx_struct_sheet_hbond.range_1_auth_seq_id     2 
_pdbx_struct_sheet_hbond.range_2_label_atom_id   O 
_pdbx_struct_sheet_hbond.range_2_label_comp_id   TYR 
_pdbx_struct_sheet_hbond.range_2_label_asym_id   B 
_pdbx_struct_sheet_hbond.range_2_label_seq_id    4 
_pdbx_struct_sheet_hbond.range_2_PDB_ins_code    ? 
_pdbx_struct_sheet_hbond.range_2_auth_atom_id    O 
_pdbx_struct_sheet_hbond.range_2_auth_comp_id    TYR 
_pdbx_struct_sheet_hbond.range_2_auth_asym_id    B 
_pdbx_struct_sheet_hbond.range_2_auth_seq_id     4 
# 
_pdbx_entry_details.entry_id                   7C0N 
_pdbx_entry_details.has_ligand_of_interest     Y 
_pdbx_entry_details.compound_details           ? 
_pdbx_entry_details.source_details             ? 
_pdbx_entry_details.nonpolymer_details         ? 
_pdbx_entry_details.sequence_details           ? 
_pdbx_entry_details.has_protein_modification   Y 
# 
loop_
_space_group_symop.id 
_space_group_symop.operation_xyz 
1  x,y,z                
2  x+1/4,-z+1/4,y+1/4   
3  x+1/4,z+1/4,-y+1/4   
4  z+1/4,y+1/4,-x+1/4   
5  -z+1/4,y+1/4,x+1/4   
6  -y+1/4,x+1/4,z+1/4   
7  y+1/4,-x+1/4,z+1/4   
8  z,x,y                
9  y,z,x                
10 -y,-z,x              
11 z,-x,-y              
12 -y,z,-x              
13 -z,-x,y              
14 -z,x,-y              
15 y,-z,-x              
16 x,-y,-z              
17 -x,y,-z              
18 -x,-y,z              
19 y+1/4,x+1/4,-z+1/4   
20 -y+1/4,-x+1/4,-z+1/4 
21 z+1/4,-y+1/4,x+1/4   
22 -z+1/4,-y+1/4,-x+1/4 
23 -x+1/4,z+1/4,y+1/4   
24 -x+1/4,-z+1/4,-y+1/4 
25 x,y+1/2,z+1/2        
26 x+1/4,-z+3/4,y+3/4   
27 x+1/4,z+3/4,-y+3/4   
28 z+1/4,y+3/4,-x+3/4   
29 -z+1/4,y+3/4,x+3/4   
30 -y+1/4,x+3/4,z+3/4   
31 y+1/4,-x+3/4,z+3/4   
32 z,x+1/2,y+1/2        
33 y,z+1/2,x+1/2        
34 -y,-z+1/2,x+1/2      
35 z,-x+1/2,-y+1/2      
36 -y,z+1/2,-x+1/2      
37 -z,-x+1/2,y+1/2      
38 -z,x+1/2,-y+1/2      
39 y,-z+1/2,-x+1/2      
40 x,-y+1/2,-z+1/2      
41 -x,y+1/2,-z+1/2      
42 -x,-y+1/2,z+1/2      
43 y+1/4,x+3/4,-z+3/4   
44 -y+1/4,-x+3/4,-z+3/4 
45 z+1/4,-y+3/4,x+3/4   
46 -z+1/4,-y+3/4,-x+3/4 
47 -x+1/4,z+3/4,y+3/4   
48 -x+1/4,-z+3/4,-y+3/4 
49 x+1/2,y,z+1/2        
50 x+3/4,-z+1/4,y+3/4   
51 x+3/4,z+1/4,-y+3/4   
52 z+3/4,y+1/4,-x+3/4   
53 -z+3/4,y+1/4,x+3/4   
54 -y+3/4,x+1/4,z+3/4   
55 y+3/4,-x+1/4,z+3/4   
56 z+1/2,x,y+1/2        
57 y+1/2,z,x+1/2        
58 -y+1/2,-z,x+1/2      
59 z+1/2,-x,-y+1/2      
60 -y+1/2,z,-x+1/2      
61 -z+1/2,-x,y+1/2      
62 -z+1/2,x,-y+1/2      
63 y+1/2,-z,-x+1/2      
64 x+1/2,-y,-z+1/2      
65 -x+1/2,y,-z+1/2      
66 -x+1/2,-y,z+1/2      
67 y+3/4,x+1/4,-z+3/4   
68 -y+3/4,-x+1/4,-z+3/4 
69 z+3/4,-y+1/4,x+3/4   
70 -z+3/4,-y+1/4,-x+3/4 
71 -x+3/4,z+1/4,y+3/4   
72 -x+3/4,-z+1/4,-y+3/4 
73 x+1/2,y+1/2,z        
74 x+3/4,-z+3/4,y+1/4   
75 x+3/4,z+3/4,-y+1/4   
76 z+3/4,y+3/4,-x+1/4   
77 -z+3/4,y+3/4,x+1/4   
78 -y+3/4,x+3/4,z+1/4   
79 y+3/4,-x+3/4,z+1/4   
80 z+1/2,x+1/2,y        
81 y+1/2,z+1/2,x        
82 -y+1/2,-z+1/2,x      
83 z+1/2,-x+1/2,-y      
84 -y+1/2,z+1/2,-x      
85 -z+1/2,-x+1/2,y      
86 -z+1/2,x+1/2,-y      
87 y+1/2,-z+1/2,-x      
88 x+1/2,-y+1/2,-z      
89 -x+1/2,y+1/2,-z      
90 -x+1/2,-y+1/2,z      
91 y+3/4,x+3/4,-z+1/4   
92 -y+3/4,-x+3/4,-z+1/4 
93 z+3/4,-y+3/4,x+1/4   
94 -z+3/4,-y+3/4,-x+1/4 
95 -x+3/4,z+3/4,y+1/4   
96 -x+3/4,-z+3/4,-y+1/4 
# 
loop_
_chem_comp_atom.comp_id 
_chem_comp_atom.atom_id 
_chem_comp_atom.type_symbol 
_chem_comp_atom.pdbx_aromatic_flag 
_chem_comp_atom.pdbx_stereo_config 
_chem_comp_atom.pdbx_ordinal 
CYS N   N N N 1  
CYS CA  C N R 2  
CYS C   C N N 3  
CYS O   O N N 4  
CYS CB  C N N 5  
CYS SG  S N N 6  
CYS OXT O N N 7  
CYS H   H N N 8  
CYS H2  H N N 9  
CYS HA  H N N 10 
CYS HB2 H N N 11 
CYS HB3 H N N 12 
CYS HG  H N N 13 
CYS HXT H N N 14 
GAL C1  C N R 15 
GAL C2  C N R 16 
GAL C3  C N S 17 
GAL C4  C N R 18 
GAL C5  C N R 19 
GAL C6  C N N 20 
GAL O1  O N N 21 
GAL O2  O N N 22 
GAL O3  O N N 23 
GAL O4  O N N 24 
GAL O5  O N N 25 
GAL O6  O N N 26 
GAL H1  H N N 27 
GAL H2  H N N 28 
GAL H3  H N N 29 
GAL H4  H N N 30 
GAL H5  H N N 31 
GAL H61 H N N 32 
GAL H62 H N N 33 
GAL HO1 H N N 34 
GAL HO2 H N N 35 
GAL HO3 H N N 36 
GAL HO4 H N N 37 
GAL HO6 H N N 38 
HOH O   O N N 39 
HOH H1  H N N 40 
HOH H2  H N N 41 
SO4 S   S N N 42 
SO4 O1  O N N 43 
SO4 O2  O N N 44 
SO4 O3  O N N 45 
SO4 O4  O N N 46 
TYR N   N N N 47 
TYR CA  C N S 48 
TYR C   C N N 49 
TYR O   O N N 50 
TYR CB  C N N 51 
TYR CG  C Y N 52 
TYR CD1 C Y N 53 
TYR CD2 C Y N 54 
TYR CE1 C Y N 55 
TYR CE2 C Y N 56 
TYR CZ  C Y N 57 
TYR OH  O N N 58 
TYR OXT O N N 59 
TYR H   H N N 60 
TYR H2  H N N 61 
TYR HA  H N N 62 
TYR HB2 H N N 63 
TYR HB3 H N N 64 
TYR HD1 H N N 65 
TYR HD2 H N N 66 
TYR HE1 H N N 67 
TYR HE2 H N N 68 
TYR HH  H N N 69 
TYR HXT H N N 70 
# 
loop_
_chem_comp_bond.comp_id 
_chem_comp_bond.atom_id_1 
_chem_comp_bond.atom_id_2 
_chem_comp_bond.value_order 
_chem_comp_bond.pdbx_aromatic_flag 
_chem_comp_bond.pdbx_stereo_config 
_chem_comp_bond.pdbx_ordinal 
CYS N   CA  sing N N 1  
CYS N   H   sing N N 2  
CYS N   H2  sing N N 3  
CYS CA  C   sing N N 4  
CYS CA  CB  sing N N 5  
CYS CA  HA  sing N N 6  
CYS C   O   doub N N 7  
CYS C   OXT sing N N 8  
CYS CB  SG  sing N N 9  
CYS CB  HB2 sing N N 10 
CYS CB  HB3 sing N N 11 
CYS SG  HG  sing N N 12 
CYS OXT HXT sing N N 13 
GAL C1  C2  sing N N 14 
GAL C1  O1  sing N N 15 
GAL C1  O5  sing N N 16 
GAL C1  H1  sing N N 17 
GAL C2  C3  sing N N 18 
GAL C2  O2  sing N N 19 
GAL C2  H2  sing N N 20 
GAL C3  C4  sing N N 21 
GAL C3  O3  sing N N 22 
GAL C3  H3  sing N N 23 
GAL C4  C5  sing N N 24 
GAL C4  O4  sing N N 25 
GAL C4  H4  sing N N 26 
GAL C5  C6  sing N N 27 
GAL C5  O5  sing N N 28 
GAL C5  H5  sing N N 29 
GAL C6  O6  sing N N 30 
GAL C6  H61 sing N N 31 
GAL C6  H62 sing N N 32 
GAL O1  HO1 sing N N 33 
GAL O2  HO2 sing N N 34 
GAL O3  HO3 sing N N 35 
GAL O4  HO4 sing N N 36 
GAL O6  HO6 sing N N 37 
HOH O   H1  sing N N 38 
HOH O   H2  sing N N 39 
SO4 S   O1  doub N N 40 
SO4 S   O2  doub N N 41 
SO4 S   O3  sing N N 42 
SO4 S   O4  sing N N 43 
TYR N   CA  sing N N 44 
TYR N   H   sing N N 45 
TYR N   H2  sing N N 46 
TYR CA  C   sing N N 47 
TYR CA  CB  sing N N 48 
TYR CA  HA  sing N N 49 
TYR C   O   doub N N 50 
TYR C   OXT sing N N 51 
TYR CB  CG  sing N N 52 
TYR CB  HB2 sing N N 53 
TYR CB  HB3 sing N N 54 
TYR CG  CD1 doub Y N 55 
TYR CG  CD2 sing Y N 56 
TYR CD1 CE1 sing Y N 57 
TYR CD1 HD1 sing N N 58 
TYR CD2 CE2 doub Y N 59 
TYR CD2 HD2 sing N N 60 
TYR CE1 CZ  doub Y N 61 
TYR CE1 HE1 sing N N 62 
TYR CE2 CZ  sing Y N 63 
TYR CE2 HE2 sing N N 64 
TYR CZ  OH  sing N N 65 
TYR OH  HH  sing N N 66 
TYR OXT HXT sing N N 67 
# 
loop_
_pdbx_audit_support.funding_organization 
_pdbx_audit_support.country 
_pdbx_audit_support.grant_number 
_pdbx_audit_support.ordinal 
'Ministry of Science and Technology (MoST, China)'    China 2018YFA0507602  1 
'Ministry of Science and Technology (MoST, China)'    China 2019ZX09301-106 2 
'National Natural Science Foundation of China (NSFC)' China 21822701        3 
# 
_space_group.name_H-M_alt     'F 41 3 2' 
_space_group.name_Hall        'F 4d 2 3' 
_space_group.IT_number        210 
_space_group.crystal_system   cubic 
_space_group.id               1 
# 
_atom_sites.entry_id                    7C0N 
_atom_sites.Cartn_transf_matrix[1][1]   ? 
_atom_sites.Cartn_transf_matrix[1][2]   ? 
_atom_sites.Cartn_transf_matrix[1][3]   ? 
_atom_sites.Cartn_transf_matrix[2][1]   ? 
_atom_sites.Cartn_transf_matrix[2][2]   ? 
_atom_sites.Cartn_transf_matrix[2][3]   ? 
_atom_sites.Cartn_transf_matrix[3][1]   ? 
_atom_sites.Cartn_transf_matrix[3][2]   ? 
_atom_sites.Cartn_transf_matrix[3][3]   ? 
_atom_sites.Cartn_transf_vector[1]      ? 
_atom_sites.Cartn_transf_vector[2]      ? 
_atom_sites.Cartn_transf_vector[3]      ? 
_atom_sites.fract_transf_matrix[1][1]   0.01120777 
_atom_sites.fract_transf_matrix[1][2]   -0.00728834 
_atom_sites.fract_transf_matrix[1][3]   -0.00312272 
_atom_sites.fract_transf_matrix[2][1]   -0.00739007 
_atom_sites.fract_transf_matrix[2][2]   -0.01156118 
_atom_sites.fract_transf_matrix[2][3]   0.00045969 
_atom_sites.fract_transf_matrix[3][1]   -0.00287368 
_atom_sites.fract_transf_matrix[3][2]   0.00130563 
_atom_sites.fract_transf_matrix[3][3]   -0.01336124 
_atom_sites.fract_transf_vector[1]      0.259503 
_atom_sites.fract_transf_vector[2]      0.502691 
_atom_sites.fract_transf_vector[3]      0.437514 
_atom_sites.solution_primary            ? 
_atom_sites.solution_secondary          ? 
_atom_sites.solution_hydrogens          ? 
_atom_sites.special_details             ? 
# 
loop_
_atom_type.symbol 
_atom_type.scat_dispersion_real 
_atom_type.scat_dispersion_imag 
_atom_type.scat_Cromer_Mann_a1 
_atom_type.scat_Cromer_Mann_a2 
_atom_type.scat_Cromer_Mann_a3 
_atom_type.scat_Cromer_Mann_a4 
_atom_type.scat_Cromer_Mann_b1 
_atom_type.scat_Cromer_Mann_b2 
_atom_type.scat_Cromer_Mann_b3 
_atom_type.scat_Cromer_Mann_b4 
_atom_type.scat_Cromer_Mann_c 
_atom_type.scat_source 
_atom_type.scat_dispersion_source 
C ? ? 3.54356 2.42580 ? ? 25.62398 1.50364  ? ? 0.0 
;2-Gaussian fit: Grosse-Kunstleve RW, Sauter NK, Adams PD: Newsletter of the IUCr Commission on Crystallographic Computing 2004, 3, 22-31.
;
? 
H ? ? ?       ?       ? ? ?        ?        ? ? ?   ? ? 
N ? ? 4.01032 2.96436 ? ? 19.97189 1.75589  ? ? 0.0 
;2-Gaussian fit: Grosse-Kunstleve RW, Sauter NK, Adams PD: Newsletter of the IUCr Commission on Crystallographic Computing 2004, 3, 22-31.
;
? 
O ? ? 4.49882 3.47563 ? ? 15.80542 1.70748  ? ? 0.0 
;2-Gaussian fit: Grosse-Kunstleve RW, Sauter NK, Adams PD: Newsletter of the IUCr Commission on Crystallographic Computing 2004, 3, 22-31.
;
? 
S ? ? 9.55732 6.39887 ? ? 1.23737  29.19336 ? ? 0.0 
;2-Gaussian fit: Grosse-Kunstleve RW, Sauter NK, Adams PD: Newsletter of the IUCr Commission on Crystallographic Computing 2004, 3, 22-31.
;
? 
# 
loop_
_atom_site.group_PDB 
_atom_site.id 
_atom_site.type_symbol 
_atom_site.label_atom_id 
_atom_site.label_alt_id 
_atom_site.label_comp_id 
_atom_site.label_asym_id 
_atom_site.label_entity_id 
_atom_site.label_seq_id 
_atom_site.pdbx_PDB_ins_code 
_atom_site.Cartn_x 
_atom_site.Cartn_y 
_atom_site.Cartn_z 
_atom_site.occupancy 
_atom_site.B_iso_or_equiv 
_atom_site.pdbx_formal_charge 
_atom_site.auth_seq_id 
_atom_site.auth_comp_id 
_atom_site.auth_asym_id 
_atom_site.auth_atom_id 
_atom_site.pdbx_PDB_model_num 
ATOM   1   N N   . TYR A 1 1 ? -6.984  -2.705  3.183  1.00 15.66 ? 1   TYR A N   1 
ATOM   2   C CA  . TYR A 1 1 ? -5.862  -2.600  2.240  1.00 14.39 ? 1   TYR A CA  1 
ATOM   3   C C   . TYR A 1 1 ? -4.570  -2.301  2.986  1.00 14.77 ? 1   TYR A C   1 
ATOM   4   O O   . TYR A 1 1 ? -4.599  -2.026  4.186  1.00 13.94 ? 1   TYR A O   1 
ATOM   5   C CB  . TYR A 1 1 ? -6.148  -1.528  1.184  1.00 15.73 ? 1   TYR A CB  1 
ATOM   6   C CG  . TYR A 1 1 ? -6.312  -0.112  1.681  1.00 17.26 ? 1   TYR A CG  1 
ATOM   7   C CD1 . TYR A 1 1 ? -7.546  0.361   2.105  1.00 18.43 ? 1   TYR A CD1 1 
ATOM   8   C CD2 . TYR A 1 1 ? -5.242  0.767   1.680  1.00 16.89 ? 1   TYR A CD2 1 
ATOM   9   C CE1 . TYR A 1 1 ? -7.694  1.658   2.529  1.00 20.18 ? 1   TYR A CE1 1 
ATOM   10  C CE2 . TYR A 1 1 ? -5.383  2.060   2.092  1.00 17.27 ? 1   TYR A CE2 1 
ATOM   11  C CZ  . TYR A 1 1 ? -6.612  2.505   2.524  1.00 18.82 ? 1   TYR A CZ  1 
ATOM   12  O OH  . TYR A 1 1 ? -6.750  3.813   2.938  1.00 26.93 ? 1   TYR A OH  1 
ATOM   13  N N   . TYR A 1 2 ? -3.422  -2.388  2.319  1.00 12.13 ? 2   TYR A N   1 
ATOM   14  C CA  . TYR A 1 2 ? -2.164  -2.082  2.998  1.00 11.03 ? 2   TYR A CA  1 
ATOM   15  C C   . TYR A 1 2 ? -1.216  -1.354  2.055  1.00 13.09 ? 2   TYR A C   1 
ATOM   16  O O   . TYR A 1 2 ? -1.263  -1.524  0.835  1.00 13.98 ? 2   TYR A O   1 
ATOM   17  C CB  . TYR A 1 2 ? -1.491  -3.343  3.581  1.00 13.04 ? 2   TYR A CB  1 
ATOM   18  C CG  . TYR A 1 2 ? -1.165  -4.442  2.598  1.00 11.39 ? 2   TYR A CG  1 
ATOM   19  C CD1 . TYR A 1 2 ? -2.156  -5.295  2.125  1.00 13.08 ? 2   TYR A CD1 1 
ATOM   20  C CD2 . TYR A 1 2 ? 0.141   -4.658  2.175  1.00 12.80 ? 2   TYR A CD2 1 
ATOM   21  C CE1 . TYR A 1 2 ? -1.852  -6.317  1.219  1.00 13.68 ? 2   TYR A CE1 1 
ATOM   22  C CE2 . TYR A 1 2 ? 0.455   -5.689  1.278  1.00 13.68 ? 2   TYR A CE2 1 
ATOM   23  C CZ  . TYR A 1 2 ? -0.553  -6.514  0.812  1.00 13.94 ? 2   TYR A CZ  1 
ATOM   24  O OH  . TYR A 1 2 ? -0.263  -7.538  -0.076 1.00 14.96 ? 2   TYR A OH  1 
ATOM   25  N N   . CYS A 1 3 ? -0.351  -0.532  2.640  1.00 12.14 ? 3   CYS A N   1 
ATOM   26  C CA  . CYS A 1 3 ? 0.535   0.332   1.871  1.00 12.53 ? 3   CYS A CA  1 
ATOM   27  C C   . CYS A 1 3 ? 1.959   0.223   2.393  1.00 14.06 ? 3   CYS A C   1 
ATOM   28  O O   . CYS A 1 3 ? 2.186   0.148   3.607  1.00 14.13 ? 3   CYS A O   1 
ATOM   29  C CB  . CYS A 1 3 ? 0.134   1.809   1.939  1.00 15.53 ? 3   CYS A CB  1 
ATOM   30  S SG  . CYS A 1 3 ? -1.585  2.171   1.575  1.00 15.19 ? 3   CYS A SG  1 
ATOM   31  N N   . TYR A 1 4 ? 2.906   0.257   1.463  1.00 11.72 ? 4   TYR A N   1 
ATOM   32  C CA  . TYR A 1 4 ? 4.330   0.306   1.757  1.00 10.84 ? 4   TYR A CA  1 
ATOM   33  C C   . TYR A 1 4 ? 4.824   1.737   1.706  1.00 13.39 ? 4   TYR A C   1 
ATOM   34  O O   . TYR A 1 4 ? 4.497   2.486   0.778  1.00 15.28 ? 4   TYR A O   1 
ATOM   35  C CB  . TYR A 1 4 ? 5.137   -0.515  0.755  1.00 13.83 ? 4   TYR A CB  1 
ATOM   36  C CG  . TYR A 1 4 ? 5.035   -2.001  0.954  1.00 11.78 ? 4   TYR A CG  1 
ATOM   37  C CD1 . TYR A 1 4 ? 4.048   -2.740  0.310  1.00 13.27 ? 4   TYR A CD1 1 
ATOM   38  C CD2 . TYR A 1 4 ? 5.921   -2.667  1.788  1.00 11.73 ? 4   TYR A CD2 1 
ATOM   39  C CE1 . TYR A 1 4 ? 3.961   -4.102  0.480  1.00 13.90 ? 4   TYR A CE1 1 
ATOM   40  C CE2 . TYR A 1 4 ? 5.836   -4.027  1.964  1.00 13.36 ? 4   TYR A CE2 1 
ATOM   41  C CZ  . TYR A 1 4 ? 4.853   -4.737  1.309  1.00 12.73 ? 4   TYR A CZ  1 
ATOM   42  O OH  . TYR A 1 4 ? 4.818   -6.108  1.245  1.00 14.71 ? 4   TYR A OH  1 
ATOM   43  N N   . TYR A 1 5 ? 5.666   2.089   2.674  1.00 13.08 ? 5   TYR A N   1 
ATOM   44  C CA  . TYR A 1 5 ? 6.273   3.413   2.744  1.00 14.55 ? 5   TYR A CA  1 
ATOM   45  C C   . TYR A 1 5 ? 7.780   3.271   2.834  1.00 23.16 ? 5   TYR A C   1 
ATOM   46  O O   . TYR A 1 5 ? 8.272   2.346   3.480  1.00 18.04 ? 5   TYR A O   1 
ATOM   47  C CB  . TYR A 1 5 ? 5.756   4.180   3.957  1.00 15.35 ? 5   TYR A CB  1 
ATOM   48  C CG  . TYR A 1 5 ? 4.265   4.387   3.968  1.00 16.19 ? 5   TYR A CG  1 
ATOM   49  C CD1 . TYR A 1 5 ? 3.686   5.445   3.279  1.00 15.72 ? 5   TYR A CD1 1 
ATOM   50  C CD2 . TYR A 1 5 ? 3.433   3.529   4.676  1.00 15.46 ? 5   TYR A CD2 1 
ATOM   51  C CE1 . TYR A 1 5 ? 2.311   5.648   3.293  1.00 18.17 ? 5   TYR A CE1 1 
ATOM   52  C CE2 . TYR A 1 5 ? 2.060   3.721   4.699  1.00 16.03 ? 5   TYR A CE2 1 
ATOM   53  C CZ  . TYR A 1 5 ? 1.503   4.777   4.005  1.00 17.75 ? 5   TYR A CZ  1 
ATOM   54  O OH  . TYR A 1 5 ? 0.139   4.975   4.030  1.00 19.41 ? 5   TYR A OH  1 
ATOM   55  N N   . TYR B 1 1 ? 4.805   6.007   -2.504 1.00 24.07 ? 1   TYR B N   1 
ATOM   56  C CA  . TYR B 1 1 ? 4.327   4.837   -1.771 1.00 18.35 ? 1   TYR B CA  1 
ATOM   57  C C   . TYR B 1 1 ? 3.266   4.108   -2.570 1.00 17.61 ? 1   TYR B C   1 
ATOM   58  O O   . TYR B 1 1 ? 2.710   4.645   -3.512 1.00 18.31 ? 1   TYR B O   1 
ATOM   59  C CB  . TYR B 1 1 ? 3.794   5.243   -0.401 1.00 17.37 ? 1   TYR B CB  1 
ATOM   60  C CG  . TYR B 1 1 ? 2.462   5.977   -0.352 1.00 16.80 ? 1   TYR B CG  1 
ATOM   61  C CD1 . TYR B 1 1 ? 2.399   7.362   -0.461 1.00 19.27 ? 1   TYR B CD1 1 
ATOM   62  C CD2 . TYR B 1 1 ? 1.283   5.290   -0.111 1.00 18.08 ? 1   TYR B CD2 1 
ATOM   63  C CE1 . TYR B 1 1 ? 1.185   8.033   -0.375 1.00 17.55 ? 1   TYR B CE1 1 
ATOM   64  C CE2 . TYR B 1 1 ? 0.072   5.947   -0.017 1.00 18.52 ? 1   TYR B CE2 1 
ATOM   65  C CZ  . TYR B 1 1 ? 0.028   7.318   -0.154 1.00 18.65 ? 1   TYR B CZ  1 
ATOM   66  O OH  . TYR B 1 1 ? -1.176  7.970   -0.067 1.00 22.14 ? 1   TYR B OH  1 
ATOM   67  N N   . TYR B 1 2 ? 2.984   2.859   -2.222 1.00 14.33 ? 2   TYR B N   1 
ATOM   68  C CA  . TYR B 1 2 ? 2.036   2.106   -3.025 1.00 15.79 ? 2   TYR B CA  1 
ATOM   69  C C   . TYR B 1 2 ? 1.206   1.217   -2.121 1.00 16.01 ? 2   TYR B C   1 
ATOM   70  O O   . TYR B 1 2 ? 1.642   0.818   -1.035 1.00 15.05 ? 2   TYR B O   1 
ATOM   71  C CB  . TYR B 1 2 ? 2.737   1.286   -4.123 1.00 15.57 ? 2   TYR B CB  1 
ATOM   72  C CG  . TYR B 1 2 ? 3.870   0.410   -3.642 1.00 15.26 ? 2   TYR B CG  1 
ATOM   73  C CD1 . TYR B 1 2 ? 5.093   0.963   -3.278 1.00 18.98 ? 2   TYR B CD1 1 
ATOM   74  C CD2 . TYR B 1 2 ? 3.725   -0.966  -3.578 1.00 23.79 ? 2   TYR B CD2 1 
ATOM   75  C CE1 . TYR B 1 2 ? 6.133   0.169   -2.838 1.00 22.62 ? 2   TYR B CE1 1 
ATOM   76  C CE2 . TYR B 1 2 ? 4.767   -1.775  -3.143 1.00 22.05 ? 2   TYR B CE2 1 
ATOM   77  C CZ  . TYR B 1 2 ? 5.964   -1.197  -2.778 1.00 24.27 ? 2   TYR B CZ  1 
ATOM   78  O OH  . TYR B 1 2 ? 7.006   -1.985  -2.341 1.00 31.61 ? 2   TYR B OH  1 
ATOM   79  N N   . CYS B 1 3 ? -0.002  0.928   -2.571 1.00 13.01 ? 3   CYS B N   1 
ATOM   80  C CA  . CYS B 1 3 ? -0.978  0.247   -1.740 1.00 13.19 ? 3   CYS B CA  1 
ATOM   81  C C   . CYS B 1 3 ? -1.548  -0.926  -2.508 1.00 14.95 ? 3   CYS B C   1 
ATOM   82  O O   . CYS B 1 3 ? -1.857  -0.812  -3.694 1.00 15.45 ? 3   CYS B O   1 
ATOM   83  C CB  . CYS B 1 3 ? -2.131  1.164   -1.324 1.00 17.25 ? 3   CYS B CB  1 
ATOM   84  S SG  . CYS B 1 3 ? -1.668  2.654   -0.429 1.00 17.99 ? 3   CYS B SG  1 
ATOM   85  N N   . TYR B 1 4 ? -1.707  -2.039  -1.818 1.00 11.56 ? 4   TYR B N   1 
ATOM   86  C CA  . TYR B 1 4 ? -2.362  -3.214  -2.367 1.00 13.36 ? 4   TYR B CA  1 
ATOM   87  C C   . TYR B 1 4 ? -3.820  -3.201  -1.958 1.00 15.96 ? 4   TYR B C   1 
ATOM   88  O O   . TYR B 1 4 ? -4.129  -3.131  -0.765 1.00 13.76 ? 4   TYR B O   1 
ATOM   89  C CB  . TYR B 1 4 ? -1.711  -4.499  -1.866 1.00 14.90 ? 4   TYR B CB  1 
ATOM   90  C CG  . TYR B 1 4 ? -0.371  -4.821  -2.456 1.00 13.98 ? 4   TYR B CG  1 
ATOM   91  C CD1 . TYR B 1 4 ? 0.789   -4.305  -1.905 1.00 17.31 ? 4   TYR B CD1 1 
ATOM   92  C CD2 . TYR B 1 4 ? -0.258  -5.660  -3.561 1.00 17.97 ? 4   TYR B CD2 1 
ATOM   93  C CE1 . TYR B 1 4 ? 2.032   -4.611  -2.430 1.00 21.28 ? 4   TYR B CE1 1 
ATOM   94  C CE2 . TYR B 1 4 ? 0.993   -5.967  -4.100 1.00 18.43 ? 4   TYR B CE2 1 
ATOM   95  C CZ  . TYR B 1 4 ? 2.128   -5.438  -3.523 1.00 20.11 ? 4   TYR B CZ  1 
ATOM   96  O OH  . TYR B 1 4 ? 3.387   -5.727  -4.017 1.00 23.83 ? 4   TYR B OH  1 
ATOM   97  N N   . TYR B 1 5 ? -4.701  -3.308  -2.942 1.00 15.08 ? 5   TYR B N   1 
ATOM   98  C CA  . TYR B 1 5 ? -6.136  -3.345  -2.705 1.00 16.83 ? 5   TYR B CA  1 
ATOM   99  C C   . TYR B 1 5 ? -6.738  -4.714  -2.946 1.00 23.59 ? 5   TYR B C   1 
ATOM   100 O O   . TYR B 1 5 ? -7.907  -4.917  -2.594 1.00 26.61 ? 5   TYR B O   1 
ATOM   101 C CB  . TYR B 1 5 ? -6.836  -2.327  -3.590 1.00 18.35 ? 5   TYR B CB  1 
ATOM   102 C CG  . TYR B 1 5 ? -6.581  -0.921  -3.166 1.00 17.04 ? 5   TYR B CG  1 
ATOM   103 C CD1 . TYR B 1 5 ? -7.222  -0.386  -2.059 1.00 17.43 ? 5   TYR B CD1 1 
ATOM   104 C CD2 . TYR B 1 5 ? -5.691  -0.114  -3.862 1.00 18.41 ? 5   TYR B CD2 1 
ATOM   105 C CE1 . TYR B 1 5 ? -6.996  0.918   -1.660 1.00 19.38 ? 5   TYR B CE1 1 
ATOM   106 C CE2 . TYR B 1 5 ? -5.460  1.190   -3.472 1.00 20.06 ? 5   TYR B CE2 1 
ATOM   107 C CZ  . TYR B 1 5 ? -6.114  1.701   -2.367 1.00 19.79 ? 5   TYR B CZ  1 
ATOM   108 O OH  . TYR B 1 5 ? -5.890  2.997   -1.974 1.00 23.73 ? 5   TYR B OH  1 
HETATM 109 C C1  . GAL C 2 . ? 5.058   -6.820  2.431  1.00 13.65 ? 101 GAL A C1  1 
HETATM 110 C C2  . GAL C 2 . ? 4.282   -8.139  2.377  1.00 13.08 ? 101 GAL A C2  1 
HETATM 111 C C3  . GAL C 2 . ? 4.537   -8.990  3.602  1.00 15.48 ? 101 GAL A C3  1 
HETATM 112 C C4  . GAL C 2 . ? 6.051   -9.198  3.757  1.00 14.18 ? 101 GAL A C4  1 
HETATM 113 C C5  . GAL C 2 . ? 6.740   -7.831  3.748  1.00 12.77 ? 101 GAL A C5  1 
HETATM 114 C C6  . GAL C 2 . ? 8.253   -7.897  3.819  1.00 15.62 ? 101 GAL A C6  1 
HETATM 115 O O2  . GAL C 2 . ? 2.898   -7.885  2.314  1.00 14.75 ? 101 GAL A O2  1 
HETATM 116 O O3  . GAL C 2 . ? 3.882   -10.270 3.455  1.00 15.24 ? 101 GAL A O3  1 
HETATM 117 O O4  . GAL C 2 . ? 6.535   -9.997  2.694  1.00 15.89 ? 101 GAL A O4  1 
HETATM 118 O O5  . GAL C 2 . ? 6.433   -7.080  2.560  1.00 14.34 ? 101 GAL A O5  1 
HETATM 119 O O6  . GAL C 2 . ? 8.816   -6.601  4.022  1.00 22.87 ? 101 GAL A O6  1 
HETATM 120 H H1  . GAL C 2 . ? 4.730   -6.185  3.268  1.00 16.39 ? 101 GAL A H1  1 
HETATM 121 H H2  . GAL C 2 . ? 4.653   -8.716  1.515  1.00 15.70 ? 101 GAL A H2  1 
HETATM 122 H H3  . GAL C 2 . ? 4.165   -8.487  4.510  1.00 18.58 ? 101 GAL A H3  1 
HETATM 123 H H4  . GAL C 2 . ? 6.261   -9.679  4.728  1.00 17.03 ? 101 GAL A H4  1 
HETATM 124 H H5  . GAL C 2 . ? 6.383   -7.257  4.618  1.00 15.33 ? 101 GAL A H5  1 
HETATM 125 H H61 . GAL C 2 . ? 8.572   -8.539  4.646  1.00 18.76 ? 101 GAL A H61 1 
HETATM 126 H H62 . GAL C 2 . ? 8.665   -8.304  2.889  1.00 18.76 ? 101 GAL A H62 1 
HETATM 127 H HO2 . GAL C 2 . ? 2.477   -8.700  2.001  1.00 17.70 ? 101 GAL A HO2 1 
HETATM 128 H HO3 . GAL C 2 . ? 4.461   -10.811 2.899  1.00 18.30 ? 101 GAL A HO3 1 
HETATM 129 H HO4 . GAL C 2 . ? 7.482   -10.112 2.875  1.00 19.08 ? 101 GAL A HO4 1 
HETATM 130 H HO6 . GAL C 2 . ? 9.415   -6.687  4.777  1.00 27.45 ? 101 GAL A HO6 1 
HETATM 131 S S   . SO4 D 3 . ? -9.647  -3.655  0.719  1.00 23.99 ? 102 SO4 A S   1 
HETATM 132 O O1  . SO4 D 3 . ? -9.359  -2.865  1.917  1.00 22.60 ? 102 SO4 A O1  1 
HETATM 133 O O2  . SO4 D 3 . ? -9.006  -4.960  0.818  1.00 29.23 ? 102 SO4 A O2  1 
HETATM 134 O O3  . SO4 D 3 . ? -9.148  -2.974  -0.471 1.00 26.70 ? 102 SO4 A O3  1 
HETATM 135 O O4  . SO4 D 3 . ? -11.100 -3.835  0.578  1.00 25.61 ? 102 SO4 A O4  1 
HETATM 136 C C1  . GAL E 2 . ? 3.525   -6.022  -5.351 1.00 26.00 ? 101 GAL B C1  1 
HETATM 137 C C2  . GAL E 2 . ? 5.031   -5.840  -5.617 1.00 28.20 ? 101 GAL B C2  1 
HETATM 138 C C3  . GAL E 2 . ? 5.359   -6.161  -7.075 1.00 30.93 ? 101 GAL B C3  1 
HETATM 139 C C4  . GAL E 2 . ? 4.845   -7.558  -7.410 1.00 35.30 ? 101 GAL B C4  1 
HETATM 140 C C5  . GAL E 2 . ? 3.362   -7.641  -7.050 1.00 33.02 ? 101 GAL B C5  1 
HETATM 141 C C6  . GAL E 2 . ? 2.713   -9.001  -7.274 1.00 33.38 ? 101 GAL B C6  1 
HETATM 142 O O2  . GAL E 2 . ? 5.463   -4.519  -5.362 1.00 31.70 ? 101 GAL B O2  1 
HETATM 143 O O3  . GAL E 2 . ? 6.766   -6.159  -7.298 1.00 34.15 ? 101 GAL B O3  1 
HETATM 144 O O4  . GAL E 2 . ? 5.579   -8.528  -6.673 1.00 36.33 ? 101 GAL B O4  1 
HETATM 145 O O5  . GAL E 2 . ? 3.157   -7.330  -5.663 1.00 28.50 ? 101 GAL B O5  1 
HETATM 146 O O6  . GAL E 2 . ? 2.911   -9.435  -8.610 1.00 44.14 ? 101 GAL B O6  1 
HETATM 147 H H1  . GAL E 2 . ? 2.945   -5.295  -5.938 1.00 31.20 ? 101 GAL B H1  1 
HETATM 148 H H2  . GAL E 2 . ? 5.565   -6.563  -4.980 1.00 33.84 ? 101 GAL B H2  1 
HETATM 149 H H3  . GAL E 2 . ? 4.869   -5.417  -7.723 1.00 37.12 ? 101 GAL B H3  1 
HETATM 150 H H4  . GAL E 2 . ? 4.944   -7.737  -8.494 1.00 42.36 ? 101 GAL B H4  1 
HETATM 151 H H5  . GAL E 2 . ? 2.812   -6.919  -7.676 1.00 39.63 ? 101 GAL B H5  1 
HETATM 152 H H61 . GAL E 2 . ? 1.635   -8.950  -7.086 1.00 40.06 ? 101 GAL B H61 1 
HETATM 153 H H62 . GAL E 2 . ? 3.144   -9.751  -6.603 1.00 40.06 ? 101 GAL B H62 1 
HETATM 154 H HO2 . GAL E 2 . ? 6.431   -4.524  -5.416 1.00 38.05 ? 101 GAL B HO2 1 
HETATM 155 H HO3 . GAL E 2 . ? 7.177   -6.373  -6.447 1.00 40.98 ? 101 GAL B HO3 1 
HETATM 156 H HO4 . GAL E 2 . ? 5.341   -9.382  -7.069 1.00 43.60 ? 101 GAL B HO4 1 
HETATM 157 H HO6 . GAL E 2 . ? 2.756   -8.658  -9.167 1.00 52.98 ? 101 GAL B HO6 1 
HETATM 158 O O   . HOH F 4 . ? 8.526   -11.497 3.827  1.00 17.07 ? 201 HOH A O   1 
HETATM 159 O O   . HOH F 4 . ? -6.457  -5.290  4.509  1.00 27.83 ? 202 HOH A O   1 
HETATM 160 O O   . HOH G 4 . ? 4.785   -7.139  -1.894 1.00 28.21 ? 201 HOH B O   1 
# 
